data_8I5K
#
_entry.id   8I5K
#
_cell.length_a   135.087
_cell.length_b   51.683
_cell.length_c   70.328
_cell.angle_alpha   90.00
_cell.angle_beta   98.83
_cell.angle_gamma   90.00
#
_symmetry.space_group_name_H-M   'C 1 2 1'
#
loop_
_entity.id
_entity.type
_entity.pdbx_description
1 polymer 'ABC transporter substrate-binding protein'
2 branched 2-acetamido-2-deoxy-beta-D-glucopyranose-(1-4)-2-acetamido-2-deoxy-beta-D-glucopyranose-(1-4)-2-acetamido-2-deoxy-beta-D-glucopyranose
3 non-polymer 'MAGNESIUM ION'
4 water water
#
_entity_poly.entity_id   1
_entity_poly.type   'polypeptide(L)'
_entity_poly.pdbx_seq_one_letter_code
;MHHHHHHRSELTIVPDFYPTMVRNFNPYLATNLRTTTDFIYEPLVVFNEMKGNTPVFRLAESYKMADDLMSVTFDIRKGV
KWSDGEAFTADDVVYSFGLLKAKPELDQRGINKWVTSVEKVDEYKVRFRLSEANSNVPYEISLIPIVAEHVWKDVKDPTT
FTNENPVGTGPFTVIDTFTPQLYIQCRNPNYWDAANLEVDCLRVPQIANNDQLLGKIVNSELDWTSSFVPDIDRTYAAAN
PNHHYWYPAAGTQAFMVNFKNPDPAKKEALDNVDFRRAFSMALDRQTIIDIAFYGSGTVNDFASGLGYAFEAWSDEATHK
KYKGFNTYDVEGSKKLLAKAGFKDVNGDGFVETPSGKSFELLIQSPNGWTDFNNTVQLAVEQLQEVGIKAKARTPEFAVY
NQAMLEGTYDVAYTNYFHGADPFTYWNSGYNSALQSGDGMPRFAMHYFTDKKLDGLLDSFYKTADKNEQLAIAHGIQKII
AENQVTIPVMSGAWMYQYNTTRFTGWWSEENPKGRPSVWAGIPERLLHVLDLKPVK
;
_entity_poly.pdbx_strand_id   A
#
loop_
_chem_comp.id
_chem_comp.type
_chem_comp.name
_chem_comp.formula
MG non-polymer 'MAGNESIUM ION' 'Mg 2'
NAG D-saccharide, beta linking 2-acetamido-2-deoxy-beta-D-glucopyranose 'C8 H15 N O6'
#
# COMPACT_ATOMS: atom_id res chain seq x y z
N ARG A 8 0.16 -10.31 32.32
CA ARG A 8 0.17 -9.27 31.30
C ARG A 8 -0.78 -9.63 30.16
N SER A 9 -1.33 -8.61 29.52
CA SER A 9 -2.21 -8.83 28.37
C SER A 9 -1.38 -8.88 27.10
N GLU A 10 -1.64 -9.90 26.28
CA GLU A 10 -0.94 -10.09 25.01
C GLU A 10 -1.97 -10.09 23.90
N LEU A 11 -1.75 -9.21 22.93
CA LEU A 11 -2.64 -9.05 21.78
C LEU A 11 -1.98 -9.72 20.60
N THR A 12 -2.61 -10.77 20.07
CA THR A 12 -2.05 -11.55 18.98
C THR A 12 -2.46 -10.93 17.64
N ILE A 13 -1.47 -10.46 16.89
CA ILE A 13 -1.70 -9.69 15.67
C ILE A 13 -0.95 -10.32 14.51
N VAL A 14 -1.46 -10.08 13.30
CA VAL A 14 -0.84 -10.58 12.07
C VAL A 14 -0.76 -9.50 11.01
N PRO A 15 0.16 -8.55 11.11
CA PRO A 15 0.30 -7.56 10.04
C PRO A 15 0.91 -8.11 8.76
N ASP A 16 1.66 -9.22 8.82
CA ASP A 16 2.30 -9.75 7.63
C ASP A 16 2.60 -11.24 7.83
N PHE A 17 2.70 -11.94 6.71
CA PHE A 17 3.17 -13.32 6.69
C PHE A 17 4.68 -13.35 6.48
N TYR A 18 5.32 -14.37 7.04
CA TYR A 18 6.73 -14.61 6.77
C TYR A 18 6.96 -16.11 6.81
N PRO A 19 7.97 -16.60 6.09
CA PRO A 19 8.36 -18.01 6.25
C PRO A 19 9.06 -18.27 7.56
N THR A 20 9.71 -17.27 8.13
CA THR A 20 10.44 -17.37 9.38
C THR A 20 10.66 -15.95 9.87
N MET A 21 10.77 -15.79 11.18
CA MET A 21 10.97 -14.46 11.77
C MET A 21 12.45 -14.08 11.70
N VAL A 22 12.75 -13.01 10.98
CA VAL A 22 14.10 -12.45 10.84
C VAL A 22 14.12 -11.13 11.60
N ARG A 23 15.09 -10.98 12.51
CA ARG A 23 15.06 -9.85 13.43
C ARG A 23 15.60 -8.60 12.73
N ASN A 24 14.68 -7.76 12.26
CA ASN A 24 15.04 -6.54 11.54
C ASN A 24 13.96 -5.53 11.88
N PHE A 25 14.33 -4.50 12.64
CA PHE A 25 13.43 -3.41 12.97
C PHE A 25 13.91 -2.08 12.39
N ASN A 26 14.63 -2.12 11.28
CA ASN A 26 15.04 -0.89 10.60
C ASN A 26 13.84 -0.30 9.88
N PRO A 27 13.32 0.87 10.29
CA PRO A 27 12.07 1.38 9.70
C PRO A 27 12.23 1.84 8.26
N TYR A 28 13.44 1.86 7.71
CA TYR A 28 13.68 2.36 6.37
C TYR A 28 13.96 1.27 5.36
N LEU A 29 13.94 0.00 5.76
CA LEU A 29 14.30 -1.10 4.87
C LEU A 29 13.07 -1.93 4.53
N ALA A 30 12.97 -2.33 3.27
CA ALA A 30 11.87 -3.19 2.83
C ALA A 30 11.90 -4.57 3.48
N THR A 31 13.03 -4.96 4.08
CA THR A 31 13.19 -6.27 4.72
C THR A 31 12.79 -6.28 6.19
N ASN A 32 12.19 -5.22 6.70
CA ASN A 32 11.96 -5.16 8.13
C ASN A 32 10.73 -5.98 8.55
N LEU A 33 10.51 -6.06 9.85
CA LEU A 33 9.29 -6.62 10.39
C LEU A 33 8.20 -5.55 10.40
N ARG A 34 6.98 -5.97 10.13
CA ARG A 34 5.83 -5.08 9.95
C ARG A 34 5.20 -4.62 11.26
N THR A 35 5.91 -4.69 12.39
CA THR A 35 5.50 -4.02 13.62
C THR A 35 6.47 -2.92 14.01
N THR A 36 7.26 -2.43 13.04
CA THR A 36 8.29 -1.43 13.30
C THR A 36 7.71 -0.02 13.26
N THR A 37 7.13 0.35 12.13
CA THR A 37 6.48 1.66 12.03
C THR A 37 5.26 1.68 12.93
N ASP A 38 4.99 2.86 13.51
CA ASP A 38 3.88 3.11 14.42
C ASP A 38 4.12 2.54 15.81
N PHE A 39 4.35 1.22 15.92
CA PHE A 39 4.43 0.60 17.23
C PHE A 39 5.78 0.84 17.90
N ILE A 40 6.87 0.89 17.14
CA ILE A 40 8.17 1.25 17.67
C ILE A 40 8.47 2.72 17.44
N TYR A 41 8.32 3.18 16.20
CA TYR A 41 8.59 4.56 15.82
C TYR A 41 7.25 5.27 15.65
N GLU A 42 6.88 6.07 16.65
CA GLU A 42 5.61 6.79 16.59
C GLU A 42 5.75 8.02 15.70
N PRO A 43 4.75 8.34 14.88
CA PRO A 43 4.82 9.53 14.02
C PRO A 43 4.63 10.83 14.79
N LEU A 44 5.04 11.91 14.13
CA LEU A 44 4.70 13.23 14.62
C LEU A 44 3.20 13.44 14.67
N VAL A 45 2.50 12.96 13.63
CA VAL A 45 1.07 13.13 13.44
C VAL A 45 0.59 11.91 12.68
N VAL A 46 -0.60 11.42 13.01
CA VAL A 46 -1.29 10.36 12.28
C VAL A 46 -2.50 11.00 11.62
N PHE A 47 -2.59 10.91 10.31
CA PHE A 47 -3.79 11.39 9.63
C PHE A 47 -4.83 10.31 9.58
N ASN A 48 -6.03 10.64 10.05
CA ASN A 48 -7.15 9.72 10.02
C ASN A 48 -7.80 9.89 8.65
N GLU A 49 -7.41 9.04 7.71
CA GLU A 49 -7.82 9.22 6.32
C GLU A 49 -9.32 9.05 6.13
N MET A 50 -9.91 8.08 6.84
CA MET A 50 -11.35 7.83 6.73
C MET A 50 -12.16 9.02 7.23
N LYS A 51 -11.64 9.73 8.23
CA LYS A 51 -12.36 10.87 8.84
C LYS A 51 -11.87 12.20 8.27
N GLY A 52 -11.97 12.33 6.95
CA GLY A 52 -11.66 13.59 6.32
C GLY A 52 -10.20 13.97 6.35
N ASN A 53 -9.30 13.00 6.48
CA ASN A 53 -7.86 13.25 6.51
C ASN A 53 -7.50 14.25 7.62
N THR A 54 -8.04 13.99 8.80
CA THR A 54 -7.87 14.84 9.97
C THR A 54 -6.58 14.48 10.72
N PRO A 55 -5.79 15.47 11.12
CA PRO A 55 -4.55 15.17 11.86
C PRO A 55 -4.82 14.80 13.30
N VAL A 56 -4.12 13.77 13.76
CA VAL A 56 -4.13 13.36 15.15
C VAL A 56 -2.71 13.53 15.65
N PHE A 57 -2.50 14.52 16.51
CA PHE A 57 -1.15 14.86 16.92
C PHE A 57 -0.61 13.87 17.94
N ARG A 58 0.58 13.35 17.64
CA ARG A 58 1.21 12.37 18.51
C ARG A 58 2.52 12.98 19.04
N LEU A 59 3.66 12.74 18.39
CA LEU A 59 4.89 13.31 18.92
C LEU A 59 5.02 14.80 18.65
N ALA A 60 4.30 15.33 17.68
CA ALA A 60 4.16 16.77 17.54
C ALA A 60 2.83 17.18 18.17
N GLU A 61 2.82 18.38 18.74
CA GLU A 61 1.55 18.91 19.24
C GLU A 61 0.87 19.82 18.23
N SER A 62 1.61 20.36 17.26
CA SER A 62 1.01 21.20 16.25
C SER A 62 1.94 21.30 15.06
N TYR A 63 1.38 21.75 13.94
CA TYR A 63 2.20 22.22 12.81
C TYR A 63 1.57 23.47 12.24
N LYS A 64 2.38 24.22 11.51
CA LYS A 64 1.94 25.46 10.89
C LYS A 64 2.59 25.57 9.51
N MET A 65 1.79 25.51 8.46
CA MET A 65 2.29 25.73 7.12
C MET A 65 2.39 27.23 6.88
N ALA A 66 3.43 27.63 6.15
CA ALA A 66 3.58 29.02 5.77
C ALA A 66 2.46 29.42 4.82
N ASP A 67 2.22 30.72 4.72
CA ASP A 67 1.19 31.23 3.82
C ASP A 67 1.42 30.75 2.40
N ASP A 68 2.68 30.67 1.98
CA ASP A 68 3.01 30.28 0.61
C ASP A 68 3.11 28.76 0.41
N LEU A 69 2.83 27.97 1.44
CA LEU A 69 2.85 26.51 1.35
C LEU A 69 4.22 25.96 0.97
N MET A 70 5.29 26.73 1.18
CA MET A 70 6.63 26.29 0.83
C MET A 70 7.47 25.97 2.05
N SER A 71 6.89 26.01 3.23
CA SER A 71 7.58 25.60 4.44
C SER A 71 6.54 25.23 5.46
N VAL A 72 6.96 24.43 6.43
CA VAL A 72 6.08 24.06 7.53
C VAL A 72 6.95 23.87 8.76
N THR A 73 6.47 24.34 9.90
CA THR A 73 7.09 24.06 11.18
C THR A 73 6.22 23.10 11.97
N PHE A 74 6.89 22.24 12.73
CA PHE A 74 6.23 21.35 13.66
C PHE A 74 6.73 21.68 15.05
N ASP A 75 5.80 21.80 15.99
CA ASP A 75 6.12 21.95 17.40
C ASP A 75 6.10 20.57 18.03
N ILE A 76 7.21 20.19 18.62
CA ILE A 76 7.37 18.88 19.24
C ILE A 76 6.77 18.89 20.65
N ARG A 77 6.00 17.85 20.97
CA ARG A 77 5.47 17.69 22.32
C ARG A 77 6.61 17.56 23.34
N LYS A 78 6.51 18.31 24.44
CA LYS A 78 7.53 18.22 25.47
C LYS A 78 7.26 17.03 26.40
N GLY A 79 8.34 16.50 26.97
CA GLY A 79 8.24 15.42 27.91
C GLY A 79 8.16 14.04 27.29
N VAL A 80 8.35 13.93 25.98
CA VAL A 80 8.34 12.63 25.33
C VAL A 80 9.72 12.00 25.45
N LYS A 81 9.76 10.72 25.80
CA LYS A 81 11.01 10.01 25.96
C LYS A 81 11.10 8.87 24.96
N TRP A 82 12.31 8.66 24.45
CA TRP A 82 12.65 7.38 23.85
C TRP A 82 12.56 6.27 24.89
N SER A 83 12.48 5.03 24.41
CA SER A 83 12.32 3.89 25.31
C SER A 83 13.52 3.72 26.26
N ASP A 84 14.69 4.25 25.87
CA ASP A 84 15.87 4.20 26.72
C ASP A 84 15.92 5.32 27.75
N GLY A 85 14.95 6.22 27.73
CA GLY A 85 14.86 7.28 28.70
C GLY A 85 15.27 8.65 28.19
N GLU A 86 15.97 8.72 27.07
CA GLU A 86 16.42 10.00 26.55
C GLU A 86 15.26 10.78 25.92
N ALA A 87 15.41 12.10 25.89
CA ALA A 87 14.34 12.95 25.40
C ALA A 87 14.18 12.85 23.88
N PHE A 88 12.92 12.88 23.43
CA PHE A 88 12.61 13.06 22.03
C PHE A 88 12.60 14.54 21.70
N THR A 89 13.37 14.95 20.70
CA THR A 89 13.54 16.38 20.42
C THR A 89 13.61 16.61 18.91
N ALA A 90 13.65 17.90 18.56
CA ALA A 90 13.83 18.26 17.17
C ALA A 90 15.07 17.62 16.56
N ASP A 91 16.09 17.35 17.38
CA ASP A 91 17.30 16.73 16.86
C ASP A 91 16.99 15.41 16.16
N ASP A 92 16.02 14.66 16.67
CA ASP A 92 15.70 13.37 16.07
C ASP A 92 15.07 13.54 14.69
N VAL A 93 14.23 14.56 14.52
CA VAL A 93 13.59 14.80 13.23
C VAL A 93 14.62 15.28 12.21
N VAL A 94 15.47 16.23 12.62
CA VAL A 94 16.51 16.73 11.74
C VAL A 94 17.44 15.60 11.32
N TYR A 95 17.86 14.77 12.28
CA TYR A 95 18.73 13.64 11.96
C TYR A 95 18.08 12.71 10.94
N SER A 96 16.82 12.35 11.17
CA SER A 96 16.19 11.33 10.33
C SER A 96 16.05 11.81 8.90
N PHE A 97 15.63 13.05 8.70
CA PHE A 97 15.51 13.56 7.33
C PHE A 97 16.89 13.75 6.71
N GLY A 98 17.89 14.13 7.52
CA GLY A 98 19.24 14.25 6.99
C GLY A 98 19.80 12.91 6.55
N LEU A 99 19.45 11.85 7.27
CA LEU A 99 19.86 10.51 6.89
C LEU A 99 19.27 10.11 5.55
N LEU A 100 17.98 10.37 5.34
CA LEU A 100 17.36 10.02 4.07
C LEU A 100 17.93 10.83 2.91
N LYS A 101 18.37 12.04 3.16
CA LYS A 101 19.02 12.80 2.09
C LYS A 101 20.41 12.25 1.79
N ALA A 102 21.12 11.80 2.82
CA ALA A 102 22.46 11.25 2.64
C ALA A 102 22.43 9.87 2.00
N LYS A 103 21.43 9.07 2.33
CA LYS A 103 21.31 7.68 1.86
C LYS A 103 19.93 7.54 1.23
N PRO A 104 19.74 8.06 0.01
CA PRO A 104 18.40 8.08 -0.58
C PRO A 104 17.80 6.70 -0.82
N GLU A 105 18.61 5.63 -0.78
CA GLU A 105 17.99 4.31 -0.82
C GLU A 105 17.12 4.05 0.39
N LEU A 106 17.30 4.81 1.47
CA LEU A 106 16.41 4.68 2.62
C LEU A 106 15.14 5.50 2.47
N ASP A 107 15.04 6.35 1.44
CA ASP A 107 13.89 7.23 1.21
C ASP A 107 12.89 6.50 0.33
N GLN A 108 12.15 5.60 0.97
CA GLN A 108 11.23 4.74 0.24
C GLN A 108 10.05 5.49 -0.36
N ARG A 109 9.71 6.67 0.17
CA ARG A 109 8.56 7.41 -0.30
C ARG A 109 8.95 8.56 -1.22
N GLY A 110 10.24 8.74 -1.48
CA GLY A 110 10.69 9.85 -2.30
C GLY A 110 10.39 11.20 -1.70
N ILE A 111 10.55 11.35 -0.39
CA ILE A 111 10.32 12.65 0.24
C ILE A 111 11.40 13.66 -0.12
N ASN A 112 12.60 13.18 -0.52
CA ASN A 112 13.75 14.06 -0.68
C ASN A 112 13.50 15.14 -1.72
N LYS A 113 12.79 14.79 -2.80
CA LYS A 113 12.56 15.74 -3.88
C LYS A 113 11.71 16.92 -3.40
N TRP A 114 10.90 16.71 -2.37
CA TRP A 114 9.96 17.72 -1.92
C TRP A 114 10.48 18.56 -0.77
N VAL A 115 11.48 18.07 -0.05
CA VAL A 115 11.99 18.73 1.14
C VAL A 115 13.42 19.16 0.84
N THR A 116 13.66 20.46 0.85
CA THR A 116 15.00 20.98 0.60
C THR A 116 15.87 20.87 1.84
N SER A 117 15.33 21.25 3.00
CA SER A 117 16.12 21.25 4.23
C SER A 117 15.18 21.06 5.41
N VAL A 118 15.71 20.41 6.44
CA VAL A 118 15.00 20.22 7.70
C VAL A 118 15.95 20.71 8.78
N GLU A 119 15.56 21.78 9.46
CA GLU A 119 16.45 22.48 10.36
C GLU A 119 15.84 22.58 11.74
N LYS A 120 16.72 22.54 12.74
CA LYS A 120 16.32 22.69 14.13
C LYS A 120 16.12 24.16 14.43
N VAL A 121 14.90 24.52 14.83
CA VAL A 121 14.65 25.90 15.27
C VAL A 121 15.03 26.06 16.72
N ASP A 122 14.50 25.19 17.58
CA ASP A 122 14.94 25.07 18.96
C ASP A 122 14.76 23.60 19.36
N GLU A 123 14.81 23.31 20.65
CA GLU A 123 14.73 21.91 21.07
C GLU A 123 13.42 21.27 20.67
N TYR A 124 12.34 22.05 20.57
CA TYR A 124 11.02 21.51 20.32
C TYR A 124 10.34 22.10 19.09
N LYS A 125 11.13 22.52 18.10
CA LYS A 125 10.57 23.10 16.90
C LYS A 125 11.49 22.79 15.73
N VAL A 126 10.90 22.32 14.63
CA VAL A 126 11.65 21.94 13.43
C VAL A 126 10.98 22.63 12.25
N ARG A 127 11.81 23.14 11.34
CA ARG A 127 11.32 23.80 10.14
C ARG A 127 11.70 22.99 8.91
N PHE A 128 10.70 22.68 8.10
CA PHE A 128 10.91 22.04 6.81
C PHE A 128 10.81 23.11 5.74
N ARG A 129 11.90 23.35 5.02
CA ARG A 129 11.85 24.19 3.82
C ARG A 129 11.60 23.28 2.63
N LEU A 130 10.61 23.62 1.81
CA LEU A 130 10.20 22.78 0.71
C LEU A 130 10.79 23.28 -0.61
N SER A 131 10.89 22.35 -1.56
CA SER A 131 11.37 22.71 -2.89
C SER A 131 10.25 23.24 -3.77
N GLU A 132 9.00 22.99 -3.38
CA GLU A 132 7.83 23.35 -4.17
C GLU A 132 6.70 23.59 -3.18
N ALA A 133 5.83 24.55 -3.49
CA ALA A 133 4.57 24.69 -2.75
C ALA A 133 3.80 23.38 -2.76
N ASN A 134 3.28 22.99 -1.59
CA ASN A 134 2.73 21.64 -1.45
C ASN A 134 1.81 21.62 -0.23
N SER A 135 0.52 21.79 -0.47
CA SER A 135 -0.43 21.81 0.63
C SER A 135 -0.57 20.44 1.30
N ASN A 136 -0.08 19.38 0.69
CA ASN A 136 -0.17 18.03 1.25
C ASN A 136 1.08 17.62 1.99
N VAL A 137 2.05 18.50 2.13
CA VAL A 137 3.31 18.09 2.76
C VAL A 137 3.15 17.61 4.21
N PRO A 138 2.22 18.13 5.04
CA PRO A 138 2.15 17.59 6.40
C PRO A 138 1.85 16.10 6.41
N TYR A 139 0.93 15.67 5.54
CA TYR A 139 0.63 14.25 5.39
C TYR A 139 1.87 13.49 4.90
N GLU A 140 2.54 14.00 3.88
CA GLU A 140 3.69 13.28 3.33
C GLU A 140 4.81 13.15 4.36
N ILE A 141 5.06 14.20 5.14
CA ILE A 141 6.01 14.13 6.23
C ILE A 141 5.59 13.12 7.29
N SER A 142 4.28 13.05 7.58
CA SER A 142 3.80 12.20 8.65
C SER A 142 4.17 10.74 8.46
N LEU A 143 4.41 10.32 7.22
CA LEU A 143 4.70 8.93 6.93
C LEU A 143 6.17 8.56 7.10
N ILE A 144 7.06 9.52 7.33
CA ILE A 144 8.50 9.27 7.35
C ILE A 144 8.88 8.87 8.78
N PRO A 145 9.39 7.66 9.00
CA PRO A 145 9.76 7.29 10.39
C PRO A 145 10.87 8.17 10.93
N ILE A 146 10.78 8.47 12.22
CA ILE A 146 11.76 9.28 12.93
C ILE A 146 12.49 8.37 13.91
N VAL A 147 13.80 8.24 13.74
CA VAL A 147 14.63 7.42 14.61
C VAL A 147 15.41 8.29 15.59
N ALA A 148 16.10 7.64 16.52
CA ALA A 148 16.81 8.34 17.60
C ALA A 148 18.21 8.74 17.13
N GLU A 149 18.44 10.05 17.02
CA GLU A 149 19.77 10.54 16.65
C GLU A 149 20.84 10.01 17.59
N HIS A 150 20.56 9.95 18.89
CA HIS A 150 21.61 9.53 19.82
C HIS A 150 22.01 8.08 19.66
N VAL A 151 21.21 7.29 18.95
CA VAL A 151 21.56 5.91 18.61
C VAL A 151 22.17 5.86 17.22
N TRP A 152 21.43 6.38 16.24
CA TRP A 152 21.81 6.19 14.85
C TRP A 152 23.03 6.99 14.43
N LYS A 153 23.37 8.06 15.15
CA LYS A 153 24.61 8.76 14.87
C LYS A 153 25.83 7.84 14.95
N ASP A 154 25.73 6.75 15.72
CA ASP A 154 26.83 5.81 15.90
C ASP A 154 26.73 4.58 15.00
N VAL A 155 25.78 4.55 14.08
CA VAL A 155 25.59 3.40 13.20
C VAL A 155 26.50 3.55 11.98
N LYS A 156 27.32 2.53 11.74
CA LYS A 156 28.31 2.58 10.67
C LYS A 156 27.65 2.60 9.30
N ASP A 157 26.67 1.73 9.07
CA ASP A 157 25.99 1.63 7.77
C ASP A 157 24.50 1.48 7.97
N PRO A 158 23.76 2.59 7.97
CA PRO A 158 22.31 2.51 8.19
C PRO A 158 21.55 1.72 7.13
N THR A 159 22.11 1.51 5.93
CA THR A 159 21.41 0.75 4.90
C THR A 159 21.47 -0.75 5.12
N THR A 160 22.36 -1.23 5.98
CA THR A 160 22.42 -2.65 6.31
C THR A 160 22.14 -2.94 7.77
N PHE A 161 22.04 -1.90 8.60
CA PHE A 161 21.77 -2.05 10.02
C PHE A 161 20.39 -2.68 10.22
N THR A 162 20.35 -3.80 10.95
CA THR A 162 19.08 -4.45 11.18
C THR A 162 18.33 -3.89 12.38
N ASN A 163 18.96 -3.00 13.16
CA ASN A 163 18.27 -2.36 14.27
C ASN A 163 17.58 -3.39 15.16
N GLU A 164 18.32 -4.45 15.49
CA GLU A 164 17.71 -5.59 16.16
C GLU A 164 17.37 -5.31 17.62
N ASN A 165 17.90 -4.21 18.17
CA ASN A 165 17.67 -3.81 19.55
C ASN A 165 17.07 -2.41 19.57
N PRO A 166 15.87 -2.23 19.02
CA PRO A 166 15.40 -0.87 18.70
C PRO A 166 15.12 -0.02 19.92
N VAL A 167 15.45 1.26 19.80
CA VAL A 167 15.06 2.31 20.72
C VAL A 167 13.96 3.11 20.04
N GLY A 168 12.78 3.16 20.65
CA GLY A 168 11.62 3.74 20.01
C GLY A 168 10.83 4.67 20.91
N THR A 169 9.99 5.46 20.26
CA THR A 169 9.05 6.36 20.91
C THR A 169 7.67 5.75 21.09
N GLY A 170 7.35 4.68 20.34
CA GLY A 170 6.00 4.17 20.29
C GLY A 170 5.66 3.26 21.45
N PRO A 171 4.45 2.71 21.40
CA PRO A 171 3.92 1.96 22.56
C PRO A 171 4.63 0.64 22.84
N PHE A 172 5.24 0.00 21.85
CA PHE A 172 5.75 -1.37 22.06
C PHE A 172 7.18 -1.45 21.51
N THR A 173 8.16 -1.37 22.42
CA THR A 173 9.56 -1.31 22.02
C THR A 173 10.40 -2.45 22.60
N VAL A 174 9.89 -3.19 23.58
CA VAL A 174 10.69 -4.21 24.25
C VAL A 174 10.56 -5.51 23.48
N ILE A 175 11.68 -6.08 23.04
CA ILE A 175 11.68 -7.37 22.36
C ILE A 175 11.79 -8.43 23.45
N ASP A 176 10.63 -8.85 23.95
CA ASP A 176 10.54 -9.77 25.08
C ASP A 176 10.92 -11.20 24.69
N THR A 177 10.53 -11.62 23.49
CA THR A 177 10.77 -12.97 22.97
C THR A 177 11.07 -12.84 21.48
N PHE A 178 12.07 -13.58 21.00
CA PHE A 178 12.31 -13.62 19.55
C PHE A 178 12.81 -15.00 19.14
N THR A 179 11.99 -15.73 18.40
CA THR A 179 12.28 -17.05 17.89
C THR A 179 11.86 -17.09 16.43
N PRO A 180 12.32 -18.09 15.67
CA PRO A 180 11.88 -18.19 14.26
C PRO A 180 10.37 -18.28 14.08
N GLN A 181 9.63 -18.72 15.09
CA GLN A 181 8.20 -18.95 14.97
C GLN A 181 7.33 -17.92 15.66
N LEU A 182 7.92 -17.00 16.42
CA LEU A 182 7.15 -16.11 17.27
C LEU A 182 8.07 -15.01 17.77
N TYR A 183 7.57 -13.79 17.79
CA TYR A 183 8.19 -12.77 18.63
C TYR A 183 7.12 -12.03 19.41
N ILE A 184 7.53 -11.43 20.53
CA ILE A 184 6.64 -10.74 21.45
C ILE A 184 7.25 -9.38 21.74
N GLN A 185 6.49 -8.31 21.48
CA GLN A 185 6.96 -6.94 21.52
C GLN A 185 6.17 -6.24 22.61
N CYS A 186 6.82 -5.91 23.73
CA CYS A 186 6.11 -5.46 24.91
C CYS A 186 6.24 -3.95 25.13
N ARG A 187 5.43 -3.45 26.04
CA ARG A 187 5.22 -2.00 26.14
C ARG A 187 6.50 -1.25 26.49
N ASN A 188 6.66 -0.11 25.83
CA ASN A 188 7.72 0.84 26.09
C ASN A 188 7.57 1.32 27.53
N PRO A 189 8.56 1.07 28.40
CA PRO A 189 8.41 1.47 29.81
C PRO A 189 8.38 2.96 30.02
N ASN A 190 8.86 3.74 29.06
CA ASN A 190 8.86 5.20 29.13
C ASN A 190 7.85 5.83 28.17
N TYR A 191 6.81 5.11 27.80
CA TYR A 191 5.91 5.60 26.76
C TYR A 191 5.19 6.86 27.19
N TRP A 192 5.25 7.90 26.35
CA TRP A 192 4.66 9.18 26.71
C TRP A 192 3.17 9.08 26.95
N ASP A 193 2.50 8.17 26.25
CA ASP A 193 1.05 8.03 26.34
C ASP A 193 0.67 6.75 27.07
N ALA A 194 1.52 6.33 28.03
CA ALA A 194 1.27 5.11 28.78
C ALA A 194 -0.10 5.08 29.43
N ALA A 195 -0.60 6.25 29.89
CA ALA A 195 -1.87 6.29 30.59
C ALA A 195 -3.05 5.84 29.72
N ASN A 196 -2.92 5.91 28.39
CA ASN A 196 -3.97 5.50 27.49
C ASN A 196 -3.75 4.12 26.88
N LEU A 197 -2.64 3.47 27.19
CA LEU A 197 -2.29 2.18 26.61
C LEU A 197 -2.57 1.08 27.62
N GLU A 198 -3.53 0.21 27.30
CA GLU A 198 -3.91 -0.87 28.19
C GLU A 198 -3.43 -2.23 27.74
N VAL A 199 -3.04 -2.38 26.48
CA VAL A 199 -2.44 -3.61 25.97
C VAL A 199 -0.98 -3.63 26.38
N ASP A 200 -0.53 -4.74 26.94
CA ASP A 200 0.85 -4.82 27.42
C ASP A 200 1.85 -5.26 26.36
N CYS A 201 1.46 -6.19 25.48
CA CYS A 201 2.40 -6.72 24.50
C CYS A 201 1.66 -7.08 23.23
N LEU A 202 2.40 -7.05 22.13
CA LEU A 202 1.96 -7.60 20.86
C LEU A 202 2.61 -8.97 20.71
N ARG A 203 1.78 -9.99 20.48
CA ARG A 203 2.24 -11.34 20.24
C ARG A 203 2.14 -11.58 18.74
N VAL A 204 3.25 -11.96 18.11
CA VAL A 204 3.34 -11.93 16.66
C VAL A 204 3.78 -13.31 16.18
N PRO A 205 2.84 -14.21 15.94
CA PRO A 205 3.20 -15.57 15.49
C PRO A 205 3.57 -15.59 14.02
N GLN A 206 4.48 -16.50 13.68
CA GLN A 206 4.89 -16.69 12.29
C GLN A 206 3.81 -17.47 11.56
N ILE A 207 3.27 -16.88 10.50
CA ILE A 207 2.25 -17.49 9.67
C ILE A 207 2.66 -17.23 8.23
N ALA A 208 2.64 -18.26 7.39
CA ALA A 208 3.28 -18.14 6.08
C ALA A 208 2.34 -17.75 4.94
N ASN A 209 1.05 -18.00 5.05
CA ASN A 209 0.17 -17.89 3.89
C ASN A 209 -1.28 -17.95 4.38
N ASN A 210 -2.21 -17.75 3.45
CA ASN A 210 -3.62 -17.70 3.84
C ASN A 210 -4.11 -19.05 4.33
N ASP A 211 -3.55 -20.16 3.86
CA ASP A 211 -4.04 -21.46 4.29
C ASP A 211 -3.68 -21.71 5.75
N GLN A 212 -2.46 -21.39 6.16
CA GLN A 212 -2.11 -21.49 7.57
C GLN A 212 -2.90 -20.51 8.41
N LEU A 213 -3.09 -19.29 7.89
CA LEU A 213 -3.86 -18.30 8.61
C LEU A 213 -5.25 -18.80 8.91
N LEU A 214 -5.90 -19.43 7.92
CA LEU A 214 -7.29 -19.83 8.09
C LEU A 214 -7.46 -20.79 9.26
N GLY A 215 -6.57 -21.77 9.38
CA GLY A 215 -6.70 -22.69 10.50
C GLY A 215 -6.59 -22.00 11.84
N LYS A 216 -5.66 -21.05 11.96
CA LYS A 216 -5.47 -20.38 13.24
C LYS A 216 -6.62 -19.43 13.56
N ILE A 217 -7.13 -18.71 12.56
CA ILE A 217 -8.18 -17.75 12.84
C ILE A 217 -9.49 -18.45 13.20
N VAL A 218 -9.83 -19.53 12.51
CA VAL A 218 -11.06 -20.27 12.79
C VAL A 218 -11.01 -20.88 14.18
N ASN A 219 -9.82 -21.26 14.64
CA ASN A 219 -9.65 -21.82 15.97
C ASN A 219 -9.52 -20.76 17.06
N SER A 220 -9.77 -19.48 16.74
CA SER A 220 -9.87 -18.41 17.72
C SER A 220 -8.52 -18.07 18.35
N GLU A 221 -7.44 -18.36 17.64
CA GLU A 221 -6.10 -18.15 18.18
C GLU A 221 -5.59 -16.72 17.98
N LEU A 222 -6.27 -15.92 17.19
CA LEU A 222 -5.77 -14.61 16.82
C LEU A 222 -6.71 -13.54 17.34
N ASP A 223 -6.19 -12.32 17.45
CA ASP A 223 -7.01 -11.21 17.90
C ASP A 223 -7.29 -10.18 16.80
N TRP A 224 -6.24 -9.72 16.11
CA TRP A 224 -6.36 -8.63 15.14
C TRP A 224 -5.66 -9.06 13.87
N THR A 225 -6.42 -9.21 12.79
CA THR A 225 -5.88 -9.62 11.50
C THR A 225 -6.54 -8.79 10.42
N SER A 226 -5.96 -8.87 9.23
CA SER A 226 -6.43 -8.16 8.06
C SER A 226 -6.23 -9.01 6.82
N SER A 227 -6.41 -10.32 7.00
CA SER A 227 -6.14 -11.29 5.96
C SER A 227 -7.34 -11.48 5.05
N PHE A 228 -7.09 -12.01 3.86
CA PHE A 228 -8.18 -12.61 3.11
C PHE A 228 -8.60 -13.91 3.79
N VAL A 229 -9.91 -14.05 4.00
CA VAL A 229 -10.51 -15.23 4.61
C VAL A 229 -11.64 -15.67 3.68
N PRO A 230 -11.54 -16.83 3.04
CA PRO A 230 -12.58 -17.25 2.10
C PRO A 230 -13.87 -17.60 2.83
N ASP A 231 -14.99 -17.30 2.19
CA ASP A 231 -16.31 -17.65 2.70
C ASP A 231 -16.43 -17.27 4.17
N ILE A 232 -16.15 -16.00 4.46
CA ILE A 232 -15.87 -15.58 5.83
C ILE A 232 -17.05 -15.85 6.78
N ASP A 233 -18.29 -15.68 6.29
CA ASP A 233 -19.43 -15.88 7.17
C ASP A 233 -19.57 -17.33 7.61
N ARG A 234 -19.23 -18.26 6.74
CA ARG A 234 -19.33 -19.68 7.06
C ARG A 234 -18.09 -20.23 7.78
N THR A 235 -16.89 -19.84 7.35
CA THR A 235 -15.68 -20.43 7.91
C THR A 235 -15.30 -19.81 9.24
N TYR A 236 -15.31 -18.48 9.31
CA TYR A 236 -14.76 -17.76 10.44
C TYR A 236 -15.82 -17.17 11.35
N ALA A 237 -16.77 -16.41 10.80
CA ALA A 237 -17.69 -15.67 11.66
C ALA A 237 -18.59 -16.60 12.45
N ALA A 238 -19.03 -17.68 11.84
CA ALA A 238 -19.91 -18.63 12.51
C ALA A 238 -19.18 -19.55 13.48
N ALA A 239 -17.84 -19.61 13.43
CA ALA A 239 -17.12 -20.58 14.25
C ALA A 239 -17.12 -20.25 15.73
N ASN A 240 -17.39 -19.00 16.12
CA ASN A 240 -17.37 -18.61 17.51
C ASN A 240 -18.10 -17.29 17.59
N PRO A 241 -18.94 -17.06 18.60
CA PRO A 241 -19.68 -15.79 18.67
C PRO A 241 -18.78 -14.57 18.85
N ASN A 242 -17.53 -14.79 19.23
CA ASN A 242 -16.58 -13.70 19.40
C ASN A 242 -15.87 -13.32 18.11
N HIS A 243 -16.15 -13.98 17.00
CA HIS A 243 -15.46 -13.72 15.73
C HIS A 243 -16.22 -12.67 14.94
N HIS A 244 -15.57 -11.53 14.73
CA HIS A 244 -16.20 -10.41 14.05
C HIS A 244 -15.32 -9.91 12.92
N TYR A 245 -15.89 -9.04 12.10
CA TYR A 245 -15.14 -8.44 11.01
C TYR A 245 -15.82 -7.13 10.62
N TRP A 246 -15.06 -6.29 9.92
CA TRP A 246 -15.60 -5.06 9.34
C TRP A 246 -14.74 -4.76 8.12
N TYR A 247 -15.37 -4.67 6.96
CA TYR A 247 -14.67 -4.50 5.68
C TYR A 247 -15.08 -3.19 5.01
N PRO A 248 -14.62 -2.06 5.53
CA PRO A 248 -14.94 -0.78 4.86
C PRO A 248 -14.23 -0.66 3.51
N ALA A 249 -14.80 0.17 2.65
CA ALA A 249 -14.33 0.25 1.26
C ALA A 249 -12.92 0.80 1.17
N ALA A 250 -12.16 0.25 0.22
CA ALA A 250 -10.77 0.67 0.01
C ALA A 250 -10.50 0.93 -1.46
N GLY A 251 -9.30 0.57 -1.94
CA GLY A 251 -8.79 1.08 -3.18
C GLY A 251 -8.70 0.09 -4.31
N THR A 252 -7.99 0.51 -5.35
CA THR A 252 -7.97 -0.17 -6.64
C THR A 252 -7.14 -1.43 -6.60
N GLN A 253 -7.55 -2.43 -7.39
CA GLN A 253 -6.75 -3.58 -7.74
C GLN A 253 -6.75 -3.67 -9.27
N ALA A 254 -5.62 -4.13 -9.83
CA ALA A 254 -5.43 -4.05 -11.26
C ALA A 254 -4.38 -5.06 -11.69
N PHE A 255 -4.42 -5.40 -12.98
CA PHE A 255 -3.27 -6.02 -13.62
C PHE A 255 -2.34 -4.91 -14.13
N MET A 256 -1.10 -4.92 -13.67
CA MET A 256 -0.04 -4.07 -14.21
C MET A 256 0.67 -4.83 -15.29
N VAL A 257 0.94 -4.16 -16.40
CA VAL A 257 1.69 -4.71 -17.52
C VAL A 257 3.06 -4.05 -17.56
N ASN A 258 4.10 -4.83 -17.80
CA ASN A 258 5.47 -4.32 -17.84
C ASN A 258 5.73 -3.77 -19.24
N PHE A 259 5.88 -2.45 -19.35
CA PHE A 259 6.21 -1.81 -20.63
C PHE A 259 7.67 -2.03 -21.02
N LYS A 260 8.51 -2.52 -20.11
CA LYS A 260 9.91 -2.80 -20.42
C LYS A 260 10.17 -4.29 -20.31
N ASN A 261 9.38 -5.08 -20.99
CA ASN A 261 9.62 -6.51 -20.94
C ASN A 261 10.77 -6.89 -21.87
N PRO A 262 11.68 -7.77 -21.42
CA PRO A 262 12.85 -8.10 -22.22
C PRO A 262 12.60 -9.07 -23.38
N ASP A 263 11.42 -9.65 -23.49
CA ASP A 263 11.11 -10.57 -24.59
C ASP A 263 10.46 -9.81 -25.73
N PRO A 264 11.03 -9.83 -26.94
CA PRO A 264 10.48 -8.97 -28.01
C PRO A 264 9.03 -9.27 -28.37
N ALA A 265 8.63 -10.54 -28.40
CA ALA A 265 7.25 -10.84 -28.74
C ALA A 265 6.29 -10.33 -27.66
N LYS A 266 6.63 -10.53 -26.39
CA LYS A 266 5.77 -10.03 -25.31
C LYS A 266 5.71 -8.52 -25.33
N LYS A 267 6.85 -7.86 -25.54
CA LYS A 267 6.84 -6.40 -25.57
C LYS A 267 5.98 -5.88 -26.70
N GLU A 268 6.00 -6.57 -27.85
CA GLU A 268 5.15 -6.18 -28.98
C GLU A 268 3.66 -6.19 -28.59
N ALA A 269 3.27 -7.13 -27.73
CA ALA A 269 1.88 -7.18 -27.27
C ALA A 269 1.63 -6.16 -26.16
N LEU A 270 2.45 -6.20 -25.11
CA LEU A 270 2.19 -5.42 -23.91
C LEU A 270 2.25 -3.92 -24.16
N ASP A 271 3.10 -3.49 -25.10
CA ASP A 271 3.29 -2.08 -25.41
C ASP A 271 2.21 -1.53 -26.34
N ASN A 272 1.31 -2.37 -26.80
CA ASN A 272 0.30 -1.98 -27.76
C ASN A 272 -0.99 -1.63 -27.01
N VAL A 273 -1.43 -0.37 -27.12
CA VAL A 273 -2.61 0.07 -26.36
C VAL A 273 -3.85 -0.75 -26.73
N ASP A 274 -4.00 -1.12 -28.02
CA ASP A 274 -5.14 -1.93 -28.41
C ASP A 274 -5.10 -3.30 -27.77
N PHE A 275 -3.91 -3.90 -27.65
CA PHE A 275 -3.78 -5.15 -26.94
C PHE A 275 -4.16 -5.01 -25.47
N ARG A 276 -3.69 -3.95 -24.81
CA ARG A 276 -4.05 -3.76 -23.40
C ARG A 276 -5.55 -3.60 -23.24
N ARG A 277 -6.19 -2.85 -24.15
CA ARG A 277 -7.65 -2.73 -24.09
C ARG A 277 -8.36 -4.06 -24.35
N ALA A 278 -7.89 -4.86 -25.32
CA ALA A 278 -8.50 -6.15 -25.58
C ALA A 278 -8.35 -7.08 -24.39
N PHE A 279 -7.16 -7.10 -23.77
CA PHE A 279 -6.95 -7.86 -22.54
C PHE A 279 -7.99 -7.45 -21.50
N SER A 280 -8.18 -6.14 -21.36
CA SER A 280 -9.10 -5.62 -20.36
C SER A 280 -10.54 -6.04 -20.64
N MET A 281 -10.94 -6.03 -21.91
CA MET A 281 -12.31 -6.42 -22.26
C MET A 281 -12.55 -7.91 -22.15
N ALA A 282 -11.51 -8.71 -22.13
CA ALA A 282 -11.70 -10.14 -21.92
C ALA A 282 -12.10 -10.46 -20.49
N LEU A 283 -11.78 -9.59 -19.54
CA LEU A 283 -11.98 -9.89 -18.13
C LEU A 283 -13.42 -9.70 -17.74
N ASP A 284 -13.90 -10.59 -16.87
CA ASP A 284 -15.23 -10.51 -16.26
C ASP A 284 -15.01 -10.12 -14.81
N ARG A 285 -14.98 -8.80 -14.57
CA ARG A 285 -14.65 -8.26 -13.26
C ARG A 285 -15.65 -8.69 -12.20
N GLN A 286 -16.94 -8.72 -12.52
CA GLN A 286 -17.90 -9.11 -11.49
C GLN A 286 -17.75 -10.57 -11.11
N THR A 287 -17.43 -11.44 -12.07
CA THR A 287 -17.19 -12.84 -11.72
C THR A 287 -15.93 -13.00 -10.88
N ILE A 288 -14.88 -12.22 -11.18
CA ILE A 288 -13.69 -12.21 -10.32
C ILE A 288 -14.07 -11.85 -8.89
N ILE A 289 -14.83 -10.76 -8.72
CA ILE A 289 -15.26 -10.37 -7.39
C ILE A 289 -16.06 -11.49 -6.72
N ASP A 290 -17.02 -12.06 -7.45
CA ASP A 290 -17.93 -13.04 -6.85
C ASP A 290 -17.21 -14.32 -6.47
N ILE A 291 -16.29 -14.79 -7.31
CA ILE A 291 -15.64 -16.08 -7.09
C ILE A 291 -14.39 -15.93 -6.23
N ALA A 292 -13.45 -15.07 -6.64
CA ALA A 292 -12.18 -14.98 -5.92
C ALA A 292 -12.30 -14.23 -4.60
N PHE A 293 -13.20 -13.27 -4.52
CA PHE A 293 -13.35 -12.45 -3.32
C PHE A 293 -14.65 -12.70 -2.59
N TYR A 294 -15.40 -13.73 -2.97
CA TYR A 294 -16.65 -14.08 -2.29
C TYR A 294 -17.61 -12.90 -2.23
N GLY A 295 -17.59 -12.06 -3.27
CA GLY A 295 -18.53 -10.97 -3.44
C GLY A 295 -18.08 -9.66 -2.86
N SER A 296 -16.91 -9.61 -2.24
CA SER A 296 -16.42 -8.41 -1.58
C SER A 296 -15.66 -7.59 -2.60
N GLY A 297 -16.22 -6.46 -2.97
CA GLY A 297 -15.56 -5.58 -3.93
C GLY A 297 -16.57 -4.93 -4.82
N THR A 298 -16.11 -3.93 -5.56
CA THR A 298 -16.91 -3.21 -6.53
C THR A 298 -16.18 -3.18 -7.87
N VAL A 299 -16.89 -3.42 -8.96
CA VAL A 299 -16.26 -3.37 -10.27
C VAL A 299 -15.61 -2.00 -10.46
N ASN A 300 -14.42 -2.01 -11.03
CA ASN A 300 -13.71 -0.78 -11.40
C ASN A 300 -13.54 -0.80 -12.92
N ASP A 301 -14.36 -0.02 -13.61
CA ASP A 301 -14.35 0.06 -15.06
C ASP A 301 -13.78 1.39 -15.55
N PHE A 302 -13.02 2.08 -14.72
CA PHE A 302 -12.35 3.31 -15.09
C PHE A 302 -11.00 2.95 -15.67
N ALA A 303 -10.76 3.30 -16.94
CA ALA A 303 -9.45 3.10 -17.53
C ALA A 303 -8.35 3.77 -16.72
N SER A 304 -8.67 4.89 -16.06
CA SER A 304 -7.71 5.59 -15.22
C SER A 304 -7.55 4.95 -13.85
N GLY A 305 -8.33 3.92 -13.53
CA GLY A 305 -8.28 3.28 -12.22
C GLY A 305 -8.95 4.02 -11.11
N LEU A 306 -9.58 5.14 -11.39
CA LEU A 306 -10.09 6.02 -10.33
C LEU A 306 -11.05 5.30 -9.38
N GLY A 307 -12.00 4.54 -9.92
CA GLY A 307 -13.00 3.84 -9.13
C GLY A 307 -14.21 4.70 -8.81
N TYR A 308 -15.31 4.00 -8.48
CA TYR A 308 -16.60 4.67 -8.33
C TYR A 308 -16.71 5.51 -7.06
N ALA A 309 -15.95 5.16 -6.03
CA ALA A 309 -16.02 5.94 -4.80
C ALA A 309 -15.54 7.37 -5.01
N PHE A 310 -14.61 7.58 -5.95
CA PHE A 310 -14.09 8.91 -6.26
C PHE A 310 -14.78 9.54 -7.44
N GLU A 311 -16.02 9.14 -7.73
CA GLU A 311 -16.71 9.65 -8.92
C GLU A 311 -16.76 11.17 -8.96
N ALA A 312 -16.82 11.85 -7.80
CA ALA A 312 -16.88 13.31 -7.80
C ALA A 312 -15.62 13.95 -8.37
N TRP A 313 -14.49 13.24 -8.34
CA TRP A 313 -13.26 13.68 -8.98
C TRP A 313 -13.23 13.35 -10.47
N SER A 314 -14.13 12.51 -10.95
CA SER A 314 -14.07 12.01 -12.31
C SER A 314 -14.66 12.98 -13.30
N ASP A 315 -13.98 13.13 -14.43
CA ASP A 315 -14.59 13.67 -15.64
C ASP A 315 -15.41 12.55 -16.26
N GLU A 316 -16.74 12.66 -16.16
CA GLU A 316 -17.58 11.55 -16.61
C GLU A 316 -17.47 11.30 -18.11
N ALA A 317 -17.19 12.34 -18.90
CA ALA A 317 -16.99 12.12 -20.32
C ALA A 317 -15.77 11.24 -20.58
N THR A 318 -14.69 11.43 -19.80
CA THR A 318 -13.53 10.56 -19.92
C THR A 318 -13.87 9.14 -19.46
N HIS A 319 -14.52 9.01 -18.30
CA HIS A 319 -14.94 7.70 -17.85
C HIS A 319 -15.74 6.99 -18.94
N LYS A 320 -16.73 7.68 -19.49
CA LYS A 320 -17.60 7.07 -20.50
C LYS A 320 -16.84 6.70 -21.77
N LYS A 321 -15.90 7.55 -22.20
CA LYS A 321 -15.20 7.32 -23.46
C LYS A 321 -14.39 6.03 -23.43
N TYR A 322 -13.84 5.67 -22.28
CA TYR A 322 -12.97 4.49 -22.19
C TYR A 322 -13.57 3.33 -21.41
N LYS A 323 -14.78 3.50 -20.86
CA LYS A 323 -15.39 2.46 -20.04
C LYS A 323 -15.63 1.18 -20.84
N GLY A 324 -15.92 1.30 -22.12
CA GLY A 324 -16.15 0.13 -22.95
C GLY A 324 -14.94 -0.78 -23.06
N PHE A 325 -13.73 -0.20 -22.96
CA PHE A 325 -12.50 -1.00 -22.96
C PHE A 325 -12.24 -1.65 -21.61
N ASN A 326 -13.10 -1.38 -20.62
CA ASN A 326 -12.94 -1.88 -19.26
C ASN A 326 -14.22 -2.56 -18.80
N THR A 327 -14.96 -3.14 -19.74
CA THR A 327 -16.22 -3.84 -19.52
C THR A 327 -16.05 -5.20 -20.18
N TYR A 328 -16.63 -6.24 -19.56
CA TYR A 328 -16.58 -7.59 -20.11
C TYR A 328 -17.27 -7.62 -21.46
N ASP A 329 -16.51 -7.94 -22.49
CA ASP A 329 -16.99 -7.82 -23.86
C ASP A 329 -16.11 -8.71 -24.74
N VAL A 330 -16.43 -10.01 -24.76
CA VAL A 330 -15.63 -10.96 -25.52
C VAL A 330 -15.66 -10.62 -27.01
N GLU A 331 -16.85 -10.30 -27.53
CA GLU A 331 -16.94 -9.94 -28.94
C GLU A 331 -16.07 -8.74 -29.27
N GLY A 332 -16.13 -7.70 -28.43
CA GLY A 332 -15.32 -6.52 -28.68
C GLY A 332 -13.84 -6.77 -28.51
N SER A 333 -13.46 -7.62 -27.55
CA SER A 333 -12.06 -7.97 -27.35
C SER A 333 -11.50 -8.65 -28.59
N LYS A 334 -12.20 -9.67 -29.10
CA LYS A 334 -11.73 -10.38 -30.28
C LYS A 334 -11.66 -9.45 -31.49
N LYS A 335 -12.66 -8.57 -31.65
CA LYS A 335 -12.64 -7.64 -32.79
C LYS A 335 -11.46 -6.69 -32.70
N LEU A 336 -11.15 -6.22 -31.49
CA LEU A 336 -10.02 -5.31 -31.32
C LEU A 336 -8.69 -6.00 -31.57
N LEU A 337 -8.53 -7.25 -31.11
CA LEU A 337 -7.32 -8.00 -31.43
C LEU A 337 -7.13 -8.11 -32.93
N ALA A 338 -8.18 -8.50 -33.65
CA ALA A 338 -8.09 -8.62 -35.11
C ALA A 338 -7.77 -7.28 -35.75
N LYS A 339 -8.43 -6.21 -35.30
CA LYS A 339 -8.18 -4.89 -35.86
C LYS A 339 -6.75 -4.42 -35.61
N ALA A 340 -6.17 -4.82 -34.49
CA ALA A 340 -4.79 -4.49 -34.18
C ALA A 340 -3.79 -5.43 -34.85
N GLY A 341 -4.26 -6.42 -35.57
CA GLY A 341 -3.39 -7.33 -36.28
C GLY A 341 -2.91 -8.52 -35.49
N PHE A 342 -3.48 -8.79 -34.32
CA PHE A 342 -3.14 -9.98 -33.55
C PHE A 342 -4.01 -11.13 -34.04
N LYS A 343 -3.43 -12.01 -34.83
CA LYS A 343 -4.16 -13.11 -35.46
C LYS A 343 -3.49 -14.44 -35.16
N ASP A 344 -4.30 -15.47 -35.02
CA ASP A 344 -3.80 -16.84 -34.92
C ASP A 344 -3.35 -17.31 -36.30
N VAL A 345 -2.04 -17.37 -36.52
CA VAL A 345 -1.51 -17.74 -37.83
C VAL A 345 -0.93 -19.15 -37.83
N ASN A 346 -1.06 -19.89 -36.72
CA ASN A 346 -0.53 -21.26 -36.65
C ASN A 346 -1.56 -22.26 -36.15
N GLY A 347 -2.84 -21.88 -36.11
CA GLY A 347 -3.91 -22.83 -35.87
C GLY A 347 -4.01 -23.43 -34.48
N ASP A 348 -3.46 -22.77 -33.46
CA ASP A 348 -3.54 -23.28 -32.10
C ASP A 348 -4.64 -22.61 -31.26
N GLY A 349 -5.37 -21.67 -31.83
CA GLY A 349 -6.40 -20.97 -31.09
C GLY A 349 -5.93 -19.79 -30.28
N PHE A 350 -4.64 -19.42 -30.38
CA PHE A 350 -4.08 -18.29 -29.65
C PHE A 350 -3.47 -17.31 -30.64
N VAL A 351 -3.74 -16.03 -30.45
CA VAL A 351 -3.20 -15.03 -31.35
C VAL A 351 -1.69 -14.95 -31.23
N GLU A 352 -1.04 -14.71 -32.36
CA GLU A 352 0.33 -14.27 -32.44
C GLU A 352 0.34 -12.74 -32.51
N THR A 353 1.54 -12.16 -32.36
CA THR A 353 1.69 -10.73 -32.50
C THR A 353 1.48 -10.35 -33.96
N PRO A 354 1.30 -9.06 -34.25
CA PRO A 354 1.16 -8.65 -35.66
C PRO A 354 2.36 -9.02 -36.53
N SER A 355 3.55 -9.13 -35.96
CA SER A 355 4.68 -9.61 -36.75
C SER A 355 4.74 -11.13 -36.87
N GLY A 356 3.79 -11.85 -36.29
CA GLY A 356 3.71 -13.29 -36.43
C GLY A 356 4.33 -14.12 -35.33
N LYS A 357 4.75 -13.50 -34.24
CA LYS A 357 5.45 -14.21 -33.17
C LYS A 357 4.48 -14.78 -32.14
N SER A 358 4.75 -16.00 -31.69
CA SER A 358 3.99 -16.59 -30.60
C SER A 358 4.46 -16.03 -29.25
N PHE A 359 3.54 -15.99 -28.30
CA PHE A 359 3.85 -15.48 -26.97
C PHE A 359 2.82 -16.01 -25.98
N GLU A 360 3.27 -16.16 -24.73
CA GLU A 360 2.38 -16.52 -23.62
C GLU A 360 2.74 -15.62 -22.43
N LEU A 361 1.74 -14.94 -21.91
CA LEU A 361 1.97 -13.95 -20.85
C LEU A 361 1.95 -14.66 -19.50
N LEU A 362 3.01 -14.49 -18.73
CA LEU A 362 3.08 -15.04 -17.38
C LEU A 362 2.51 -14.00 -16.43
N ILE A 363 1.44 -14.35 -15.74
CA ILE A 363 0.75 -13.41 -14.86
C ILE A 363 1.06 -13.81 -13.42
N GLN A 364 1.73 -12.92 -12.70
CA GLN A 364 2.16 -13.24 -11.34
C GLN A 364 1.31 -12.58 -10.26
N SER A 365 1.17 -13.29 -9.15
CA SER A 365 0.63 -12.77 -7.90
C SER A 365 1.38 -13.45 -6.76
N PRO A 366 1.39 -12.86 -5.57
CA PRO A 366 2.25 -13.38 -4.51
C PRO A 366 1.75 -14.71 -3.97
N ASN A 367 2.69 -15.63 -3.77
CA ASN A 367 2.36 -16.90 -3.18
C ASN A 367 1.69 -16.71 -1.82
N GLY A 368 0.61 -17.45 -1.60
CA GLY A 368 -0.11 -17.37 -0.34
C GLY A 368 -1.19 -16.32 -0.29
N TRP A 369 -1.24 -15.38 -1.25
CA TRP A 369 -2.30 -14.38 -1.35
C TRP A 369 -3.39 -14.99 -2.22
N THR A 370 -4.13 -15.92 -1.62
CA THR A 370 -4.95 -16.84 -2.40
C THR A 370 -6.08 -16.17 -3.14
N ASP A 371 -6.61 -15.05 -2.61
CA ASP A 371 -7.60 -14.28 -3.37
C ASP A 371 -7.02 -13.79 -4.68
N PHE A 372 -5.80 -13.23 -4.64
CA PHE A 372 -5.14 -12.77 -5.85
C PHE A 372 -4.77 -13.93 -6.75
N ASN A 373 -4.33 -15.05 -6.16
CA ASN A 373 -3.98 -16.21 -6.97
C ASN A 373 -5.20 -16.71 -7.74
N ASN A 374 -6.36 -16.73 -7.08
CA ASN A 374 -7.56 -17.20 -7.76
C ASN A 374 -8.02 -16.20 -8.80
N THR A 375 -7.81 -14.91 -8.55
CA THR A 375 -8.10 -13.91 -9.57
C THR A 375 -7.29 -14.19 -10.83
N VAL A 376 -6.00 -14.47 -10.68
CA VAL A 376 -5.16 -14.71 -11.85
C VAL A 376 -5.63 -15.96 -12.59
N GLN A 377 -5.96 -17.02 -11.86
CA GLN A 377 -6.45 -18.22 -12.51
C GLN A 377 -7.70 -17.94 -13.34
N LEU A 378 -8.65 -17.17 -12.79
CA LEU A 378 -9.84 -16.81 -13.56
C LEU A 378 -9.46 -15.98 -14.78
N ALA A 379 -8.53 -15.04 -14.60
CA ALA A 379 -8.13 -14.21 -15.74
C ALA A 379 -7.50 -15.04 -16.85
N VAL A 380 -6.69 -16.04 -16.49
CA VAL A 380 -6.08 -16.90 -17.50
C VAL A 380 -7.17 -17.57 -18.34
N GLU A 381 -8.22 -18.05 -17.70
CA GLU A 381 -9.30 -18.71 -18.42
C GLU A 381 -10.07 -17.72 -19.30
N GLN A 382 -10.31 -16.53 -18.78
CA GLN A 382 -11.01 -15.50 -19.54
C GLN A 382 -10.17 -15.05 -20.74
N LEU A 383 -8.86 -14.87 -20.55
CA LEU A 383 -8.00 -14.51 -21.66
C LEU A 383 -7.99 -15.59 -22.73
N GLN A 384 -8.00 -16.86 -22.32
CA GLN A 384 -8.03 -17.94 -23.30
C GLN A 384 -9.24 -17.82 -24.22
N GLU A 385 -10.38 -17.38 -23.69
CA GLU A 385 -11.59 -17.28 -24.50
C GLU A 385 -11.44 -16.30 -25.66
N VAL A 386 -10.60 -15.27 -25.51
CA VAL A 386 -10.36 -14.33 -26.60
C VAL A 386 -9.11 -14.66 -27.41
N GLY A 387 -8.43 -15.76 -27.10
CA GLY A 387 -7.25 -16.14 -27.82
C GLY A 387 -5.94 -15.59 -27.30
N ILE A 388 -5.89 -15.10 -26.06
CA ILE A 388 -4.64 -14.65 -25.46
C ILE A 388 -4.12 -15.77 -24.57
N LYS A 389 -2.91 -16.26 -24.86
CA LYS A 389 -2.33 -17.33 -24.08
C LYS A 389 -1.65 -16.74 -22.85
N ALA A 390 -1.97 -17.28 -21.68
CA ALA A 390 -1.43 -16.79 -20.42
C ALA A 390 -1.28 -17.95 -19.47
N LYS A 391 -0.41 -17.79 -18.48
CA LYS A 391 -0.19 -18.81 -17.46
C LYS A 391 -0.01 -18.12 -16.12
N ALA A 392 -0.56 -18.72 -15.06
CA ALA A 392 -0.44 -18.17 -13.72
C ALA A 392 0.91 -18.52 -13.10
N ARG A 393 1.50 -17.57 -12.37
CA ARG A 393 2.71 -17.81 -11.61
C ARG A 393 2.48 -17.25 -10.21
N THR A 394 2.99 -17.96 -9.21
CA THR A 394 2.80 -17.58 -7.80
C THR A 394 4.12 -17.58 -7.05
N PRO A 395 5.06 -16.73 -7.47
CA PRO A 395 6.32 -16.58 -6.72
C PRO A 395 6.08 -16.03 -5.32
N GLU A 396 7.00 -16.32 -4.42
CA GLU A 396 6.96 -15.69 -3.10
C GLU A 396 6.97 -14.19 -3.29
N PHE A 397 6.34 -13.47 -2.35
CA PHE A 397 6.27 -12.02 -2.45
C PHE A 397 7.61 -11.38 -2.78
N ALA A 398 8.68 -11.80 -2.12
CA ALA A 398 9.95 -11.10 -2.33
C ALA A 398 10.40 -11.23 -3.78
N VAL A 399 10.13 -12.38 -4.39
CA VAL A 399 10.48 -12.66 -5.78
C VAL A 399 9.53 -11.94 -6.74
N TYR A 400 8.22 -11.98 -6.46
CA TYR A 400 7.22 -11.19 -7.17
C TYR A 400 7.61 -9.72 -7.21
N ASN A 401 8.00 -9.18 -6.05
CA ASN A 401 8.35 -7.78 -5.94
C ASN A 401 9.63 -7.47 -6.70
N GLN A 402 10.65 -8.33 -6.53
CA GLN A 402 11.90 -8.14 -7.23
C GLN A 402 11.72 -8.19 -8.73
N ALA A 403 10.83 -9.06 -9.23
CA ALA A 403 10.60 -9.11 -10.67
C ALA A 403 10.01 -7.81 -11.18
N MET A 404 9.27 -7.10 -10.34
CA MET A 404 8.74 -5.82 -10.76
C MET A 404 9.82 -4.73 -10.71
N LEU A 405 10.60 -4.71 -9.64
CA LEU A 405 11.68 -3.74 -9.52
C LEU A 405 12.75 -3.95 -10.59
N GLU A 406 12.96 -5.18 -11.05
CA GLU A 406 13.95 -5.49 -12.07
C GLU A 406 13.35 -5.52 -13.48
N GLY A 407 12.04 -5.39 -13.60
CA GLY A 407 11.44 -5.40 -14.92
C GLY A 407 11.51 -6.73 -15.64
N THR A 408 11.50 -7.84 -14.91
CA THR A 408 11.51 -9.14 -15.57
C THR A 408 10.12 -9.77 -15.71
N TYR A 409 9.11 -9.21 -15.07
CA TYR A 409 7.77 -9.78 -15.10
C TYR A 409 7.07 -9.44 -16.42
N ASP A 410 5.95 -10.12 -16.68
CA ASP A 410 5.11 -9.77 -17.83
C ASP A 410 3.91 -8.97 -17.37
N VAL A 411 3.04 -9.59 -16.56
CA VAL A 411 1.84 -8.99 -15.99
C VAL A 411 1.80 -9.37 -14.52
N ALA A 412 1.35 -8.45 -13.68
CA ALA A 412 1.24 -8.71 -12.24
C ALA A 412 -0.10 -8.19 -11.75
N TYR A 413 -0.78 -9.00 -10.94
CA TYR A 413 -1.98 -8.52 -10.26
C TYR A 413 -1.56 -7.87 -8.95
N THR A 414 -2.12 -6.70 -8.66
CA THR A 414 -1.75 -6.01 -7.45
C THR A 414 -2.90 -5.15 -6.93
N ASN A 415 -2.83 -4.87 -5.65
CA ASN A 415 -3.61 -3.80 -5.04
C ASN A 415 -2.72 -2.57 -4.89
N TYR A 416 -3.29 -1.52 -4.31
CA TYR A 416 -2.63 -0.24 -4.15
C TYR A 416 -3.07 0.38 -2.84
N PHE A 417 -2.27 1.29 -2.33
N PHE A 417 -2.22 1.31 -2.37
CA PHE A 417 -2.86 1.98 -1.20
CA PHE A 417 -2.56 2.29 -1.33
C PHE A 417 -3.85 3.01 -1.68
C PHE A 417 -3.88 2.99 -1.70
N HIS A 418 -4.59 3.52 -0.71
CA HIS A 418 -5.84 4.23 -0.96
C HIS A 418 -5.99 5.34 0.06
N GLY A 419 -6.05 6.58 -0.39
CA GLY A 419 -6.11 7.73 0.47
C GLY A 419 -7.48 8.38 0.47
N ALA A 420 -7.53 9.56 1.11
CA ALA A 420 -8.77 10.31 1.18
C ALA A 420 -9.10 10.99 -0.14
N ASP A 421 -8.14 11.09 -1.04
CA ASP A 421 -8.43 11.57 -2.39
C ASP A 421 -7.69 10.68 -3.39
N PRO A 422 -7.86 10.88 -4.70
CA PRO A 422 -7.27 9.94 -5.67
C PRO A 422 -5.77 10.04 -5.79
N PHE A 423 -5.14 11.06 -5.20
CA PHE A 423 -3.72 11.28 -5.40
C PHE A 423 -2.89 10.10 -4.89
N THR A 424 -3.29 9.49 -3.77
CA THR A 424 -2.49 8.39 -3.25
C THR A 424 -2.35 7.29 -4.30
N TYR A 425 -3.46 6.91 -4.93
CA TYR A 425 -3.42 5.90 -5.98
C TYR A 425 -2.68 6.41 -7.21
N TRP A 426 -3.06 7.58 -7.72
CA TRP A 426 -2.46 8.02 -8.98
C TRP A 426 -0.97 8.32 -8.84
N ASN A 427 -0.55 8.94 -7.74
CA ASN A 427 0.85 9.23 -7.59
C ASN A 427 1.66 7.96 -7.36
N SER A 428 1.23 7.12 -6.40
CA SER A 428 1.97 5.90 -6.13
C SER A 428 1.96 4.95 -7.31
N GLY A 429 0.88 4.97 -8.09
CA GLY A 429 0.77 4.03 -9.18
C GLY A 429 1.36 4.47 -10.50
N TYR A 430 1.71 5.75 -10.64
CA TYR A 430 2.07 6.29 -11.96
C TYR A 430 3.20 7.29 -11.97
N ASN A 431 3.58 7.92 -10.87
CA ASN A 431 4.66 8.90 -10.94
C ASN A 431 5.96 8.20 -11.31
N SER A 432 6.55 8.59 -12.45
CA SER A 432 7.77 7.90 -12.87
C SER A 432 8.94 8.13 -11.93
N ALA A 433 8.89 9.16 -11.08
CA ALA A 433 9.94 9.32 -10.07
C ALA A 433 9.98 8.16 -9.09
N LEU A 434 8.88 7.43 -8.95
CA LEU A 434 8.81 6.30 -8.04
C LEU A 434 9.18 4.98 -8.71
N GLN A 435 9.72 5.04 -9.92
CA GLN A 435 10.17 3.85 -10.62
C GLN A 435 11.64 3.55 -10.41
N SER A 436 12.36 4.42 -9.70
CA SER A 436 13.80 4.30 -9.50
C SER A 436 14.08 4.37 -8.03
N GLY A 437 14.86 3.40 -7.52
CA GLY A 437 15.17 3.34 -6.11
C GLY A 437 15.05 1.94 -5.57
N ASP A 438 16.09 1.46 -4.90
CA ASP A 438 16.13 0.08 -4.43
C ASP A 438 15.07 -0.19 -3.38
N GLY A 439 14.66 0.83 -2.64
CA GLY A 439 13.61 0.71 -1.65
C GLY A 439 12.26 1.23 -2.09
N MET A 440 12.08 1.55 -3.37
CA MET A 440 10.75 1.85 -3.87
C MET A 440 9.88 0.60 -3.82
N PRO A 441 8.59 0.76 -3.57
CA PRO A 441 7.65 -0.37 -3.69
C PRO A 441 7.31 -0.61 -5.15
N ARG A 442 6.44 -1.60 -5.38
CA ARG A 442 6.20 -2.10 -6.72
C ARG A 442 5.23 -1.25 -7.53
N PHE A 443 4.53 -0.30 -6.92
CA PHE A 443 3.26 0.17 -7.49
C PHE A 443 3.42 0.95 -8.78
N ALA A 444 4.53 1.66 -8.97
CA ALA A 444 4.72 2.40 -10.21
C ALA A 444 5.52 1.63 -11.26
N MET A 445 5.88 0.39 -10.95
CA MET A 445 6.86 -0.35 -11.75
C MET A 445 6.28 -1.01 -12.99
N HIS A 446 5.48 -0.28 -13.76
CA HIS A 446 5.13 -0.68 -15.12
C HIS A 446 6.05 -0.05 -16.14
N TYR A 447 6.77 1.00 -15.78
CA TYR A 447 7.74 1.64 -16.66
C TYR A 447 7.11 2.39 -17.81
N PHE A 448 5.81 2.70 -17.72
CA PHE A 448 5.22 3.72 -18.58
C PHE A 448 5.65 5.07 -18.01
N THR A 449 6.11 5.97 -18.87
CA THR A 449 6.54 7.29 -18.44
C THR A 449 5.93 8.35 -19.34
N ASP A 450 5.60 9.48 -18.74
CA ASP A 450 4.94 10.57 -19.45
C ASP A 450 5.25 11.85 -18.68
N LYS A 451 6.04 12.74 -19.28
CA LYS A 451 6.46 13.95 -18.58
C LYS A 451 5.28 14.83 -18.21
N LYS A 452 4.28 14.93 -19.08
CA LYS A 452 3.10 15.72 -18.75
C LYS A 452 2.37 15.13 -17.54
N LEU A 453 2.22 13.81 -17.50
CA LEU A 453 1.58 13.16 -16.36
C LEU A 453 2.35 13.44 -15.08
N ASP A 454 3.67 13.31 -15.12
CA ASP A 454 4.46 13.58 -13.92
C ASP A 454 4.29 15.03 -13.48
N GLY A 455 4.23 15.97 -14.44
CA GLY A 455 4.05 17.36 -14.09
C GLY A 455 2.73 17.63 -13.41
N LEU A 456 1.66 17.01 -13.91
CA LEU A 456 0.35 17.14 -13.27
C LEU A 456 0.35 16.56 -11.85
N LEU A 457 0.89 15.34 -11.69
CA LEU A 457 0.97 14.75 -10.36
C LEU A 457 1.75 15.65 -9.42
N ASP A 458 2.88 16.20 -9.91
CA ASP A 458 3.74 17.03 -9.08
C ASP A 458 3.14 18.39 -8.79
N SER A 459 2.04 18.73 -9.46
CA SER A 459 1.35 20.02 -9.30
C SER A 459 0.06 19.89 -8.51
N PHE A 460 -0.33 18.68 -8.14
CA PHE A 460 -1.66 18.41 -7.61
C PHE A 460 -1.97 19.28 -6.41
N TYR A 461 -1.00 19.49 -5.53
CA TYR A 461 -1.22 20.22 -4.29
C TYR A 461 -0.48 21.56 -4.27
N LYS A 462 -0.12 22.10 -5.44
CA LYS A 462 0.56 23.39 -5.48
C LYS A 462 -0.32 24.50 -4.93
N THR A 463 -1.63 24.28 -4.89
CA THR A 463 -2.56 25.17 -4.20
C THR A 463 -3.43 24.32 -3.26
N ALA A 464 -4.15 25.01 -2.38
CA ALA A 464 -5.22 24.39 -1.63
C ALA A 464 -6.57 24.56 -2.32
N ASP A 465 -6.58 25.17 -3.51
CA ASP A 465 -7.82 25.40 -4.26
C ASP A 465 -8.34 24.08 -4.81
N LYS A 466 -9.56 23.71 -4.39
CA LYS A 466 -10.15 22.46 -4.85
C LYS A 466 -10.48 22.51 -6.34
N ASN A 467 -10.91 23.67 -6.84
CA ASN A 467 -11.25 23.77 -8.26
C ASN A 467 -10.02 23.55 -9.14
N GLU A 468 -8.87 24.05 -8.69
CA GLU A 468 -7.63 23.83 -9.44
C GLU A 468 -7.22 22.37 -9.40
N GLN A 469 -7.29 21.75 -8.21
CA GLN A 469 -6.96 20.33 -8.10
C GLN A 469 -7.86 19.49 -9.00
N LEU A 470 -9.14 19.88 -9.14
CA LEU A 470 -10.07 19.12 -9.97
C LEU A 470 -9.66 19.13 -11.44
N ALA A 471 -9.29 20.31 -11.97
CA ALA A 471 -8.81 20.40 -13.34
C ALA A 471 -7.56 19.53 -13.55
N ILE A 472 -6.66 19.54 -12.57
CA ILE A 472 -5.47 18.69 -12.68
C ILE A 472 -5.87 17.23 -12.66
N ALA A 473 -6.79 16.86 -11.75
CA ALA A 473 -7.25 15.48 -11.72
C ALA A 473 -7.82 15.05 -13.08
N HIS A 474 -8.58 15.93 -13.72
CA HIS A 474 -9.15 15.56 -15.02
C HIS A 474 -8.07 15.33 -16.06
N GLY A 475 -7.00 16.12 -16.00
CA GLY A 475 -5.88 15.92 -16.91
C GLY A 475 -5.17 14.60 -16.66
N ILE A 476 -4.99 14.25 -15.39
CA ILE A 476 -4.36 12.97 -15.04
C ILE A 476 -5.22 11.81 -15.53
N GLN A 477 -6.53 11.89 -15.22
CA GLN A 477 -7.47 10.85 -15.64
C GLN A 477 -7.41 10.62 -17.14
N LYS A 478 -7.41 11.71 -17.91
CA LYS A 478 -7.38 11.60 -19.37
C LYS A 478 -6.12 10.91 -19.85
N ILE A 479 -4.96 11.29 -19.34
CA ILE A 479 -3.72 10.68 -19.82
C ILE A 479 -3.68 9.19 -19.50
N ILE A 480 -4.03 8.84 -18.27
CA ILE A 480 -3.96 7.43 -17.91
C ILE A 480 -4.96 6.61 -18.72
N ALA A 481 -6.18 7.14 -18.85
CA ALA A 481 -7.24 6.42 -19.54
C ALA A 481 -6.92 6.23 -21.01
N GLU A 482 -6.45 7.29 -21.67
CA GLU A 482 -6.23 7.21 -23.11
C GLU A 482 -5.05 6.32 -23.45
N ASN A 483 -4.16 6.08 -22.49
CA ASN A 483 -3.07 5.14 -22.67
C ASN A 483 -3.35 3.76 -22.11
N GLN A 484 -4.52 3.53 -21.51
CA GLN A 484 -4.84 2.27 -20.83
C GLN A 484 -3.60 1.70 -20.15
N VAL A 485 -3.03 2.48 -19.23
CA VAL A 485 -1.69 2.14 -18.72
C VAL A 485 -1.70 0.80 -18.01
N THR A 486 -2.70 0.60 -17.15
CA THR A 486 -2.93 -0.66 -16.44
C THR A 486 -4.30 -1.19 -16.84
N ILE A 487 -4.65 -2.33 -16.25
CA ILE A 487 -5.98 -2.92 -16.45
C ILE A 487 -6.67 -2.97 -15.10
N PRO A 488 -7.38 -1.92 -14.71
CA PRO A 488 -8.07 -1.92 -13.42
C PRO A 488 -9.19 -2.94 -13.41
N VAL A 489 -9.39 -3.57 -12.25
CA VAL A 489 -10.34 -4.67 -12.09
C VAL A 489 -11.44 -4.31 -11.10
N MET A 490 -11.07 -3.81 -9.93
CA MET A 490 -12.05 -3.65 -8.87
C MET A 490 -11.53 -2.64 -7.87
N SER A 491 -12.42 -2.22 -6.99
CA SER A 491 -12.10 -1.56 -5.74
C SER A 491 -12.39 -2.55 -4.62
N GLY A 492 -11.41 -2.75 -3.74
CA GLY A 492 -11.50 -3.74 -2.68
C GLY A 492 -11.93 -3.14 -1.36
N ALA A 493 -11.59 -3.85 -0.28
CA ALA A 493 -11.98 -3.45 1.06
C ALA A 493 -10.79 -3.56 1.99
N TRP A 494 -10.83 -2.81 3.09
CA TRP A 494 -9.85 -3.00 4.16
C TRP A 494 -10.25 -4.25 4.93
N MET A 495 -9.74 -5.40 4.53
CA MET A 495 -10.06 -6.62 5.27
C MET A 495 -9.60 -6.47 6.71
N TYR A 496 -10.43 -6.91 7.63
CA TYR A 496 -10.15 -6.74 9.05
C TYR A 496 -11.05 -7.67 9.83
N GLN A 497 -10.42 -8.48 10.66
CA GLN A 497 -11.11 -9.41 11.54
C GLN A 497 -10.66 -9.14 12.96
N TYR A 498 -11.59 -9.21 13.90
CA TYR A 498 -11.27 -8.99 15.29
C TYR A 498 -12.01 -10.00 16.15
N ASN A 499 -11.39 -10.31 17.28
CA ASN A 499 -11.88 -11.32 18.20
C ASN A 499 -12.16 -10.63 19.53
N THR A 500 -13.38 -10.81 20.06
CA THR A 500 -13.71 -10.20 21.34
C THR A 500 -13.44 -11.12 22.53
N THR A 501 -12.76 -12.25 22.33
CA THR A 501 -12.54 -13.16 23.45
C THR A 501 -11.68 -12.51 24.52
N ARG A 502 -10.62 -11.81 24.13
CA ARG A 502 -9.62 -11.34 25.06
C ARG A 502 -9.53 -9.82 25.16
N PHE A 503 -10.16 -9.09 24.24
CA PHE A 503 -10.08 -7.64 24.21
C PHE A 503 -11.40 -7.08 23.70
N THR A 504 -11.71 -5.86 24.15
CA THR A 504 -12.82 -5.08 23.61
C THR A 504 -12.30 -3.71 23.23
N GLY A 505 -13.18 -2.92 22.62
CA GLY A 505 -12.86 -1.58 22.18
C GLY A 505 -12.58 -1.45 20.70
N TRP A 506 -12.75 -2.54 19.95
CA TRP A 506 -12.42 -2.62 18.53
C TRP A 506 -13.23 -1.63 17.70
N TRP A 507 -12.61 -1.12 16.65
CA TRP A 507 -13.36 -0.38 15.66
C TRP A 507 -14.23 -1.34 14.85
N SER A 508 -15.35 -0.85 14.33
CA SER A 508 -16.31 -1.72 13.66
C SER A 508 -17.28 -0.84 12.88
N GLU A 509 -18.19 -1.48 12.14
CA GLU A 509 -19.22 -0.69 11.45
C GLU A 509 -20.02 0.14 12.44
N GLU A 510 -20.26 -0.40 13.65
CA GLU A 510 -20.98 0.32 14.69
C GLU A 510 -20.09 1.31 15.45
N ASN A 511 -18.78 1.16 15.34
CA ASN A 511 -17.79 2.03 15.99
C ASN A 511 -16.73 2.41 14.96
N PRO A 512 -17.10 3.16 13.91
CA PRO A 512 -16.25 3.26 12.71
C PRO A 512 -15.25 4.40 12.79
N LYS A 513 -14.28 4.25 13.70
CA LYS A 513 -13.42 5.36 14.07
C LYS A 513 -12.31 5.65 13.04
N GLY A 514 -12.00 4.72 12.16
CA GLY A 514 -10.97 4.94 11.16
C GLY A 514 -10.70 3.63 10.45
N ARG A 515 -9.73 3.66 9.55
CA ARG A 515 -9.31 2.43 8.88
C ARG A 515 -8.87 1.41 9.92
N PRO A 516 -9.46 0.22 9.95
CA PRO A 516 -9.23 -0.71 11.07
C PRO A 516 -8.12 -1.72 10.85
N SER A 517 -7.47 -1.65 9.70
CA SER A 517 -6.44 -2.60 9.31
C SER A 517 -5.26 -2.60 10.28
N VAL A 518 -4.64 -3.78 10.40
CA VAL A 518 -3.41 -3.93 11.17
C VAL A 518 -2.15 -3.89 10.29
N TRP A 519 -2.31 -3.77 8.97
CA TRP A 519 -1.16 -3.75 8.08
C TRP A 519 -0.23 -2.59 8.39
N ALA A 520 1.06 -2.82 8.21
CA ALA A 520 1.98 -1.70 8.13
C ALA A 520 1.55 -0.80 6.98
N GLY A 521 1.79 0.50 7.12
CA GLY A 521 1.31 1.45 6.14
C GLY A 521 -0.06 1.99 6.46
N ILE A 522 -0.68 1.55 7.54
CA ILE A 522 -1.96 2.09 8.01
C ILE A 522 -1.65 2.72 9.36
N PRO A 523 -1.25 3.99 9.38
CA PRO A 523 -0.79 4.60 10.64
C PRO A 523 -1.86 4.64 11.71
N GLU A 524 -3.12 4.62 11.32
CA GLU A 524 -4.23 4.60 12.27
C GLU A 524 -4.20 3.37 13.16
N ARG A 525 -3.44 2.32 12.81
CA ARG A 525 -3.37 1.18 13.71
C ARG A 525 -2.84 1.56 15.09
N LEU A 526 -2.03 2.62 15.19
CA LEU A 526 -1.60 3.11 16.49
C LEU A 526 -2.78 3.64 17.29
N LEU A 527 -3.63 4.45 16.65
CA LEU A 527 -4.80 4.98 17.33
C LEU A 527 -5.75 3.85 17.75
N HIS A 528 -5.85 2.81 16.92
CA HIS A 528 -6.75 1.69 17.17
C HIS A 528 -6.27 0.89 18.36
N VAL A 529 -4.97 0.57 18.42
CA VAL A 529 -4.48 -0.25 19.52
C VAL A 529 -4.68 0.44 20.86
N LEU A 530 -4.64 1.78 20.87
CA LEU A 530 -4.84 2.54 22.10
C LEU A 530 -6.28 2.47 22.59
N ASP A 531 -7.23 2.03 21.76
CA ASP A 531 -8.62 1.89 22.17
C ASP A 531 -8.94 0.51 22.71
N LEU A 532 -8.01 -0.44 22.63
CA LEU A 532 -8.31 -1.80 23.02
C LEU A 532 -8.13 -1.98 24.52
N LYS A 533 -9.05 -2.72 25.12
CA LYS A 533 -9.07 -2.95 26.55
C LYS A 533 -9.05 -4.45 26.81
N PRO A 534 -8.11 -4.96 27.60
CA PRO A 534 -8.09 -6.40 27.89
C PRO A 534 -9.34 -6.80 28.66
N VAL A 535 -9.83 -7.99 28.36
CA VAL A 535 -10.96 -8.54 29.09
C VAL A 535 -10.51 -9.04 30.46
C1 NAG B . 3.82 -1.00 3.69
C2 NAG B . 4.11 -2.42 4.11
C3 NAG B . 3.35 -3.46 3.36
C4 NAG B . 1.89 -3.13 3.19
C5 NAG B . 1.71 -1.70 2.73
C6 NAG B . 0.23 -1.50 2.64
C7 NAG B . 6.48 -2.24 4.99
C8 NAG B . 7.99 -2.39 4.82
N2 NAG B . 5.59 -2.61 3.90
O1 NAG B . 4.40 -0.13 4.57
O3 NAG B . 3.49 -4.71 4.10
O4 NAG B . 1.24 -3.90 2.15
O5 NAG B . 2.35 -0.74 3.65
O6 NAG B . -0.38 -1.42 3.89
O7 NAG B . 6.04 -1.84 6.01
C1 NAG B . 0.18 -4.78 2.52
C2 NAG B . -0.61 -5.21 1.31
C3 NAG B . -1.64 -6.21 1.71
C4 NAG B . -1.01 -7.39 2.38
C5 NAG B . -0.19 -6.90 3.57
C6 NAG B . 0.60 -8.00 4.21
C7 NAG B . -0.71 -3.32 -0.38
C8 NAG B . -1.47 -2.12 -0.92
N2 NAG B . -1.30 -4.02 0.74
O3 NAG B . -2.31 -6.67 0.49
O4 NAG B . -2.02 -8.22 2.97
O5 NAG B . 0.81 -5.93 3.14
O6 NAG B . 1.41 -8.62 3.27
O7 NAG B . 0.31 -3.68 -0.82
C1 NAG B . -2.29 -9.41 2.29
C2 NAG B . -2.93 -10.41 3.23
C3 NAG B . -3.39 -11.64 2.51
C4 NAG B . -4.21 -11.32 1.27
C5 NAG B . -3.49 -10.29 0.39
C6 NAG B . -4.27 -9.83 -0.81
C7 NAG B . -2.13 -10.43 5.61
C8 NAG B . -1.03 -10.94 6.51
N2 NAG B . -1.95 -10.81 4.24
O3 NAG B . -4.24 -12.39 3.40
O4 NAG B . -4.41 -12.52 0.52
O5 NAG B . -3.21 -9.13 1.20
O6 NAG B . -5.58 -9.44 -0.48
O7 NAG B . -3.06 -9.80 5.98
MG MG C . -1.61 -19.13 -32.73
#